data_1H1A
#
_entry.id   1H1A
#
_cell.length_a   108.240
_cell.length_b   57.150
_cell.length_c   65.680
_cell.angle_alpha   90.00
_cell.angle_beta   90.00
_cell.angle_gamma   90.00
#
_symmetry.space_group_name_H-M   'P 21 21 2'
#
loop_
_entity.id
_entity.type
_entity.pdbx_description
1 polymer Endo-1,4-beta-xylanase
2 non-polymer 'UNKNOWN ATOM OR ION'
3 non-polymer 'SULFATE ION'
4 non-polymer 'CALCIUM ION'
5 non-polymer GLYCEROL
6 water water
#
_entity_poly.entity_id   1
_entity_poly.type   'polypeptide(L)'
_entity_poly.pdbx_seq_one_letter_code
;(PCA)TLTSSATGTHNGYYYSFWTDGQGNIRFNLESGGQYSVTWSGNGNWVGGKGWNPGTDNRVINYTADYRPNGNSYLA
VYGWTRNPLIEYYVVESFGTYDPSTGATRMGSVTTDGGTYNIYRTQRVNAPSIEGTKTFYQYWSVRTSKRTGGTVTMANH
FNAWRQAGLQLGSHDYQIVATEGYYSSGSATVNVG
;
_entity_poly.pdbx_strand_id   A,B
#
# COMPACT_ATOMS: atom_id res chain seq x y z
N THR A 2 1.85 -8.61 -2.20
CA THR A 2 1.22 -9.79 -1.63
C THR A 2 1.65 -9.86 -0.17
N LEU A 3 0.67 -9.99 0.72
CA LEU A 3 0.96 -10.06 2.15
C LEU A 3 1.55 -11.41 2.51
N THR A 4 2.48 -11.42 3.47
CA THR A 4 3.11 -12.66 3.89
C THR A 4 2.78 -13.02 5.34
N SER A 5 2.02 -12.15 5.99
CA SER A 5 1.62 -12.35 7.38
C SER A 5 0.50 -11.36 7.69
N SER A 6 -0.06 -11.43 8.90
CA SER A 6 -1.10 -10.48 9.28
C SER A 6 -0.46 -9.11 9.08
N ALA A 7 -1.26 -8.15 8.63
CA ALA A 7 -0.71 -6.82 8.39
C ALA A 7 -1.76 -5.74 8.28
N THR A 8 -1.34 -4.51 8.47
CA THR A 8 -2.23 -3.34 8.36
C THR A 8 -1.42 -2.20 7.76
N GLY A 9 -2.14 -1.17 7.32
CA GLY A 9 -1.51 0.00 6.74
C GLY A 9 -2.50 0.62 5.78
N THR A 10 -2.02 1.45 4.88
N THR A 10 -2.03 1.46 4.88
CA THR A 10 -2.90 2.07 3.90
CA THR A 10 -2.90 2.09 3.89
C THR A 10 -2.32 1.79 2.52
C THR A 10 -2.31 1.83 2.51
N HIS A 11 -3.18 1.54 1.55
CA HIS A 11 -2.75 1.25 0.20
C HIS A 11 -3.64 1.98 -0.79
N ASN A 12 -3.02 2.82 -1.61
CA ASN A 12 -3.73 3.61 -2.60
C ASN A 12 -4.85 4.43 -1.97
N GLY A 13 -4.59 4.93 -0.76
CA GLY A 13 -5.56 5.76 -0.06
C GLY A 13 -6.53 5.03 0.84
N TYR A 14 -6.53 3.69 0.75
CA TYR A 14 -7.44 2.90 1.57
C TYR A 14 -6.72 2.11 2.65
N TYR A 15 -7.29 2.13 3.85
CA TYR A 15 -6.73 1.37 4.95
C TYR A 15 -6.94 -0.10 4.63
N TYR A 16 -6.00 -0.94 5.04
CA TYR A 16 -6.15 -2.37 4.83
C TYR A 16 -5.77 -3.09 6.10
N SER A 17 -6.52 -4.15 6.39
CA SER A 17 -6.24 -4.97 7.54
C SER A 17 -6.37 -6.40 7.09
N PHE A 18 -5.40 -7.22 7.47
CA PHE A 18 -5.42 -8.64 7.13
C PHE A 18 -5.04 -9.36 8.41
N TRP A 19 -5.92 -10.23 8.89
CA TRP A 19 -5.65 -11.00 10.08
C TRP A 19 -5.77 -12.47 9.72
N THR A 20 -4.74 -13.25 10.07
CA THR A 20 -4.75 -14.67 9.78
C THR A 20 -4.13 -15.42 10.95
N ASP A 21 -4.59 -16.65 11.19
CA ASP A 21 -4.03 -17.44 12.27
C ASP A 21 -2.86 -18.24 11.69
N GLY A 22 -2.43 -17.83 10.50
CA GLY A 22 -1.30 -18.45 9.84
C GLY A 22 -1.49 -19.85 9.28
N GLN A 23 -2.68 -20.41 9.45
CA GLN A 23 -2.94 -21.76 8.98
C GLN A 23 -3.60 -21.83 7.60
N GLY A 24 -3.57 -23.01 7.00
CA GLY A 24 -4.16 -23.18 5.69
C GLY A 24 -3.33 -22.51 4.62
N ASN A 25 -3.92 -22.36 3.44
CA ASN A 25 -3.24 -21.74 2.31
C ASN A 25 -3.93 -20.44 1.99
N ILE A 26 -3.16 -19.38 1.82
CA ILE A 26 -3.76 -18.10 1.52
C ILE A 26 -2.80 -17.11 0.88
N ARG A 27 -3.33 -16.34 -0.06
CA ARG A 27 -2.59 -15.30 -0.74
C ARG A 27 -3.50 -14.08 -0.77
N PHE A 28 -3.17 -13.08 0.03
CA PHE A 28 -3.95 -11.84 0.09
C PHE A 28 -3.15 -10.79 -0.67
N ASN A 29 -3.74 -10.24 -1.73
CA ASN A 29 -3.05 -9.27 -2.57
C ASN A 29 -3.67 -7.87 -2.63
N LEU A 30 -2.85 -6.85 -2.39
CA LEU A 30 -3.31 -5.48 -2.44
C LEU A 30 -3.26 -5.06 -3.91
N GLU A 31 -4.36 -4.53 -4.43
CA GLU A 31 -4.40 -4.15 -5.83
C GLU A 31 -4.74 -2.67 -6.06
N SER A 32 -5.00 -2.30 -7.30
CA SER A 32 -5.29 -0.91 -7.65
C SER A 32 -6.45 -0.26 -6.89
N GLY A 33 -6.28 1.01 -6.56
CA GLY A 33 -7.31 1.74 -5.85
C GLY A 33 -7.79 1.07 -4.57
N GLY A 34 -9.10 0.90 -4.45
CA GLY A 34 -9.63 0.26 -3.26
C GLY A 34 -9.87 -1.22 -3.46
N GLN A 35 -9.11 -1.83 -4.35
CA GLN A 35 -9.28 -3.25 -4.65
C GLN A 35 -8.24 -4.16 -4.01
N TYR A 36 -8.67 -5.39 -3.75
CA TYR A 36 -7.80 -6.42 -3.21
C TYR A 36 -8.37 -7.76 -3.69
N SER A 37 -7.53 -8.77 -3.80
CA SER A 37 -7.99 -10.09 -4.22
C SER A 37 -7.37 -11.11 -3.28
N VAL A 38 -8.08 -12.21 -3.06
CA VAL A 38 -7.57 -13.24 -2.17
C VAL A 38 -7.98 -14.63 -2.66
N THR A 39 -7.03 -15.56 -2.57
CA THR A 39 -7.28 -16.95 -2.96
C THR A 39 -6.86 -17.75 -1.76
N TRP A 40 -7.71 -18.68 -1.33
CA TRP A 40 -7.41 -19.45 -0.14
C TRP A 40 -7.99 -20.87 -0.16
N SER A 41 -7.47 -21.71 0.72
CA SER A 41 -7.92 -23.09 0.85
C SER A 41 -7.32 -23.67 2.13
N GLY A 42 -7.61 -24.92 2.42
CA GLY A 42 -7.05 -25.52 3.62
C GLY A 42 -7.82 -25.19 4.89
N ASN A 43 -7.15 -25.32 6.03
CA ASN A 43 -7.78 -25.07 7.32
C ASN A 43 -7.36 -23.79 7.99
N GLY A 44 -7.59 -22.66 7.34
CA GLY A 44 -7.22 -21.39 7.91
C GLY A 44 -8.36 -20.60 8.53
N ASN A 45 -8.00 -19.59 9.30
CA ASN A 45 -8.94 -18.69 9.96
C ASN A 45 -8.40 -17.31 9.62
N TRP A 46 -9.13 -16.55 8.81
CA TRP A 46 -8.63 -15.23 8.42
C TRP A 46 -9.74 -14.27 8.02
N VAL A 47 -9.44 -12.97 8.08
CA VAL A 47 -10.38 -11.93 7.68
C VAL A 47 -9.56 -10.71 7.25
N GLY A 48 -9.89 -10.15 6.10
CA GLY A 48 -9.13 -8.99 5.64
C GLY A 48 -9.88 -8.19 4.59
N GLY A 49 -9.45 -6.95 4.38
CA GLY A 49 -10.11 -6.13 3.39
C GLY A 49 -9.61 -4.71 3.37
N LYS A 50 -10.26 -3.88 2.57
CA LYS A 50 -9.89 -2.47 2.45
C LYS A 50 -11.01 -1.57 2.90
N GLY A 51 -10.64 -0.42 3.44
CA GLY A 51 -11.64 0.52 3.90
C GLY A 51 -11.03 1.78 4.50
N TRP A 52 -11.40 2.04 5.74
CA TRP A 52 -10.95 3.24 6.43
C TRP A 52 -10.59 2.98 7.87
N ASN A 53 -9.79 3.89 8.43
CA ASN A 53 -9.42 3.82 9.82
C ASN A 53 -9.07 5.24 10.23
N PRO A 54 -9.86 5.81 11.15
CA PRO A 54 -11.03 5.19 11.79
C PRO A 54 -12.30 5.14 10.96
N GLY A 55 -13.22 4.26 11.34
CA GLY A 55 -14.48 4.18 10.63
C GLY A 55 -15.29 5.37 11.13
N THR A 56 -16.44 5.63 10.50
CA THR A 56 -17.29 6.74 10.91
C THR A 56 -18.75 6.28 11.00
N ASP A 57 -19.55 7.02 11.77
CA ASP A 57 -20.96 6.68 11.96
C ASP A 57 -21.84 6.88 10.73
N ASN A 58 -21.43 7.77 9.82
CA ASN A 58 -22.24 8.05 8.64
C ASN A 58 -21.62 7.73 7.31
N ARG A 59 -20.59 6.90 7.30
CA ARG A 59 -19.97 6.55 6.03
C ARG A 59 -20.94 5.77 5.15
N VAL A 60 -20.94 6.09 3.86
CA VAL A 60 -21.78 5.41 2.90
C VAL A 60 -20.83 4.65 1.98
N ILE A 61 -20.83 3.33 2.10
CA ILE A 61 -19.94 2.50 1.33
C ILE A 61 -20.54 1.92 0.05
N ASN A 62 -19.78 2.02 -1.03
CA ASN A 62 -20.22 1.46 -2.31
C ASN A 62 -19.11 0.48 -2.66
N TYR A 63 -19.48 -0.73 -3.04
CA TYR A 63 -18.49 -1.74 -3.36
C TYR A 63 -19.01 -2.69 -4.42
N THR A 64 -18.10 -3.46 -4.99
CA THR A 64 -18.42 -4.47 -5.99
C THR A 64 -17.53 -5.65 -5.63
N ALA A 65 -17.96 -6.85 -5.98
CA ALA A 65 -17.16 -8.02 -5.65
C ALA A 65 -17.46 -9.23 -6.50
N ASP A 66 -16.40 -10.00 -6.77
CA ASP A 66 -16.51 -11.24 -7.50
C ASP A 66 -16.18 -12.18 -6.35
N TYR A 67 -17.21 -12.69 -5.70
CA TYR A 67 -17.08 -13.54 -4.52
C TYR A 67 -17.43 -15.01 -4.80
N ARG A 68 -16.45 -15.89 -4.63
CA ARG A 68 -16.65 -17.31 -4.89
C ARG A 68 -16.16 -18.19 -3.73
N PRO A 69 -16.95 -18.25 -2.64
CA PRO A 69 -16.60 -19.06 -1.46
C PRO A 69 -17.00 -20.53 -1.55
N ASN A 70 -16.35 -21.34 -0.73
CA ASN A 70 -16.63 -22.77 -0.64
C ASN A 70 -16.45 -23.16 0.83
N GLY A 71 -17.56 -23.13 1.56
CA GLY A 71 -17.51 -23.45 2.98
C GLY A 71 -17.96 -22.26 3.79
N ASN A 72 -17.42 -22.13 5.01
CA ASN A 72 -17.78 -21.03 5.88
C ASN A 72 -16.95 -19.79 5.53
N SER A 73 -17.59 -18.83 4.88
CA SER A 73 -16.94 -17.59 4.49
C SER A 73 -17.97 -16.46 4.48
N TYR A 74 -17.51 -15.23 4.69
CA TYR A 74 -18.38 -14.07 4.69
C TYR A 74 -17.81 -12.99 3.81
N LEU A 75 -18.70 -12.19 3.25
CA LEU A 75 -18.35 -11.00 2.47
C LEU A 75 -19.15 -10.00 3.29
N ALA A 76 -18.47 -9.06 3.93
CA ALA A 76 -19.21 -8.13 4.77
C ALA A 76 -18.45 -6.88 5.18
N VAL A 77 -19.19 -5.83 5.54
CA VAL A 77 -18.55 -4.63 6.04
C VAL A 77 -18.17 -5.15 7.42
N TYR A 78 -16.94 -4.87 7.83
CA TYR A 78 -16.42 -5.40 9.08
C TYR A 78 -15.58 -4.35 9.80
N GLY A 79 -15.72 -4.28 11.12
CA GLY A 79 -14.96 -3.30 11.87
C GLY A 79 -15.01 -3.49 13.37
N TRP A 80 -14.36 -2.58 14.10
CA TRP A 80 -14.32 -2.64 15.56
C TRP A 80 -14.52 -1.27 16.20
N THR A 81 -14.86 -1.28 17.48
CA THR A 81 -14.99 -0.05 18.27
C THR A 81 -14.33 -0.41 19.60
N ARG A 82 -13.97 0.60 20.37
CA ARG A 82 -13.36 0.37 21.68
C ARG A 82 -14.18 1.17 22.69
N ASN A 83 -14.23 0.67 23.91
CA ASN A 83 -14.99 1.33 24.98
C ASN A 83 -16.42 1.63 24.57
N PRO A 84 -17.24 0.57 24.38
CA PRO A 84 -16.87 -0.83 24.54
C PRO A 84 -16.19 -1.47 23.32
N LEU A 85 -15.45 -2.55 23.58
CA LEU A 85 -14.76 -3.29 22.54
C LEU A 85 -15.83 -4.12 21.84
N ILE A 86 -16.02 -3.86 20.56
CA ILE A 86 -17.04 -4.56 19.78
C ILE A 86 -16.52 -4.91 18.39
N GLU A 87 -16.84 -6.11 17.93
CA GLU A 87 -16.48 -6.55 16.60
C GLU A 87 -17.82 -6.58 15.87
N TYR A 88 -17.95 -5.87 14.76
CA TYR A 88 -19.23 -5.84 14.06
C TYR A 88 -19.20 -6.25 12.59
N TYR A 89 -20.34 -6.70 12.10
CA TYR A 89 -20.48 -7.15 10.73
C TYR A 89 -21.78 -6.73 10.07
N VAL A 90 -21.70 -6.46 8.77
CA VAL A 90 -22.88 -6.19 7.97
C VAL A 90 -22.65 -7.23 6.88
N VAL A 91 -23.27 -8.39 7.07
CA VAL A 91 -23.10 -9.52 6.15
C VAL A 91 -23.92 -9.38 4.86
N GLU A 92 -23.22 -9.22 3.75
CA GLU A 92 -23.84 -9.09 2.44
C GLU A 92 -24.04 -10.47 1.81
N SER A 93 -23.08 -11.36 2.06
CA SER A 93 -23.16 -12.72 1.55
C SER A 93 -22.35 -13.65 2.45
N PHE A 94 -22.67 -14.93 2.41
CA PHE A 94 -21.95 -15.91 3.22
C PHE A 94 -22.01 -17.29 2.59
N GLY A 95 -21.24 -18.22 3.15
CA GLY A 95 -21.19 -19.55 2.62
C GLY A 95 -22.13 -20.55 3.24
N THR A 96 -21.57 -21.65 3.73
CA THR A 96 -22.37 -22.71 4.34
C THR A 96 -22.80 -22.44 5.77
N TYR A 97 -22.10 -21.53 6.45
CA TYR A 97 -22.45 -21.22 7.84
C TYR A 97 -23.22 -19.91 7.96
N ASP A 98 -24.45 -20.00 8.44
CA ASP A 98 -25.30 -18.83 8.64
C ASP A 98 -24.91 -18.22 9.98
N PRO A 99 -24.39 -16.99 9.98
CA PRO A 99 -23.97 -16.30 11.21
C PRO A 99 -25.08 -16.17 12.25
N SER A 100 -26.33 -16.23 11.81
CA SER A 100 -27.46 -16.09 12.73
C SER A 100 -27.66 -17.32 13.61
N THR A 101 -27.02 -18.43 13.25
CA THR A 101 -27.15 -19.69 13.99
C THR A 101 -26.84 -19.55 15.47
N GLY A 102 -27.85 -19.79 16.30
CA GLY A 102 -27.68 -19.72 17.74
C GLY A 102 -27.40 -18.33 18.29
N ALA A 103 -27.60 -17.30 17.47
CA ALA A 103 -27.35 -15.93 17.89
C ALA A 103 -28.62 -15.32 18.47
N THR A 104 -28.44 -14.30 19.31
CA THR A 104 -29.58 -13.64 19.92
C THR A 104 -30.14 -12.60 18.94
N ARG A 105 -31.34 -12.83 18.43
CA ARG A 105 -31.94 -11.89 17.48
C ARG A 105 -32.40 -10.61 18.16
N MET A 106 -32.05 -9.48 17.56
CA MET A 106 -32.38 -8.18 18.11
C MET A 106 -33.21 -7.32 17.15
N GLY A 107 -34.03 -7.97 16.33
CA GLY A 107 -34.86 -7.23 15.39
C GLY A 107 -34.30 -7.23 13.97
N SER A 108 -34.67 -6.21 13.20
CA SER A 108 -34.21 -6.12 11.83
C SER A 108 -34.19 -4.68 11.34
N VAL A 109 -33.54 -4.46 10.21
CA VAL A 109 -33.45 -3.14 9.62
C VAL A 109 -33.50 -3.26 8.11
N THR A 110 -34.22 -2.34 7.48
CA THR A 110 -34.33 -2.33 6.03
C THR A 110 -33.53 -1.12 5.55
N THR A 111 -32.58 -1.36 4.67
CA THR A 111 -31.74 -0.29 4.17
C THR A 111 -31.05 -0.71 2.88
N ASP A 112 -30.83 0.27 2.01
CA ASP A 112 -30.16 0.04 0.73
C ASP A 112 -30.82 -1.04 -0.13
N GLY A 113 -32.15 -1.06 -0.14
CA GLY A 113 -32.87 -2.01 -0.96
C GLY A 113 -32.94 -3.42 -0.41
N GLY A 114 -32.39 -3.62 0.79
CA GLY A 114 -32.42 -4.94 1.38
C GLY A 114 -32.92 -4.92 2.82
N THR A 115 -33.10 -6.13 3.36
CA THR A 115 -33.56 -6.29 4.73
C THR A 115 -32.51 -7.10 5.47
N TYR A 116 -32.18 -6.68 6.69
CA TYR A 116 -31.18 -7.36 7.48
C TYR A 116 -31.69 -7.71 8.88
N ASN A 117 -31.44 -8.93 9.33
CA ASN A 117 -31.84 -9.30 10.68
C ASN A 117 -30.65 -8.94 11.56
N ILE A 118 -30.94 -8.44 12.76
CA ILE A 118 -29.89 -8.02 13.69
C ILE A 118 -29.64 -9.06 14.78
N TYR A 119 -28.36 -9.29 15.10
CA TYR A 119 -28.01 -10.25 16.13
C TYR A 119 -26.83 -9.83 16.98
N ARG A 120 -26.74 -10.43 18.16
CA ARG A 120 -25.64 -10.19 19.08
C ARG A 120 -25.10 -11.55 19.49
N THR A 121 -23.79 -11.68 19.50
CA THR A 121 -23.15 -12.92 19.93
C THR A 121 -22.00 -12.50 20.83
N GLN A 122 -21.31 -13.47 21.42
CA GLN A 122 -20.20 -13.14 22.29
C GLN A 122 -19.02 -14.07 22.08
N ARG A 123 -17.83 -13.50 22.12
N ARG A 123 -17.82 -13.50 22.14
CA ARG A 123 -16.59 -14.26 21.98
CA ARG A 123 -16.59 -14.26 21.98
C ARG A 123 -15.89 -14.20 23.34
C ARG A 123 -15.86 -14.20 23.33
N VAL A 124 -15.51 -15.36 23.86
CA VAL A 124 -14.84 -15.43 25.15
C VAL A 124 -13.36 -15.77 25.03
N ASN A 125 -12.52 -15.00 25.72
CA ASN A 125 -11.07 -15.22 25.68
C ASN A 125 -10.63 -15.39 24.23
N ALA A 126 -11.04 -14.45 23.37
CA ALA A 126 -10.70 -14.52 21.96
C ALA A 126 -9.78 -13.39 21.50
N PRO A 127 -9.05 -13.61 20.40
CA PRO A 127 -8.15 -12.57 19.89
C PRO A 127 -8.95 -11.36 19.43
N SER A 128 -8.42 -10.16 19.69
CA SER A 128 -9.10 -8.93 19.31
C SER A 128 -8.06 -7.84 19.12
N ILE A 129 -8.50 -6.66 18.70
CA ILE A 129 -7.58 -5.55 18.50
C ILE A 129 -6.98 -5.07 19.83
N GLU A 130 -7.49 -5.60 20.94
CA GLU A 130 -6.98 -5.24 22.27
C GLU A 130 -6.34 -6.45 22.97
N GLY A 131 -6.03 -7.48 22.20
CA GLY A 131 -5.44 -8.67 22.77
C GLY A 131 -6.51 -9.69 23.08
N THR A 132 -6.21 -10.64 23.97
CA THR A 132 -7.17 -11.67 24.34
C THR A 132 -8.24 -11.04 25.22
N LYS A 133 -9.47 -11.05 24.74
CA LYS A 133 -10.58 -10.44 25.47
C LYS A 133 -11.92 -11.14 25.25
N THR A 134 -12.89 -10.75 26.07
CA THR A 134 -14.24 -11.27 25.96
C THR A 134 -15.04 -10.05 25.53
N PHE A 135 -15.74 -10.16 24.41
CA PHE A 135 -16.49 -9.03 23.88
C PHE A 135 -17.68 -9.48 23.04
N TYR A 136 -18.57 -8.54 22.75
CA TYR A 136 -19.74 -8.82 21.94
C TYR A 136 -19.46 -8.56 20.47
N GLN A 137 -20.23 -9.24 19.63
CA GLN A 137 -20.16 -9.09 18.18
C GLN A 137 -21.57 -8.66 17.79
N TYR A 138 -21.69 -7.67 16.91
CA TYR A 138 -23.00 -7.23 16.44
C TYR A 138 -23.10 -7.65 14.98
N TRP A 139 -24.29 -8.06 14.57
CA TRP A 139 -24.49 -8.50 13.20
C TRP A 139 -25.75 -7.96 12.53
N SER A 140 -25.62 -7.72 11.23
CA SER A 140 -26.73 -7.31 10.37
C SER A 140 -26.54 -8.32 9.24
N VAL A 141 -27.48 -9.25 9.10
CA VAL A 141 -27.37 -10.29 8.08
C VAL A 141 -28.45 -10.13 7.03
N ARG A 142 -28.04 -9.88 5.79
CA ARG A 142 -28.99 -9.70 4.70
C ARG A 142 -29.81 -10.97 4.48
N THR A 143 -31.13 -10.82 4.31
CA THR A 143 -32.01 -11.96 4.10
C THR A 143 -31.84 -12.56 2.71
N SER A 144 -31.21 -11.79 1.83
CA SER A 144 -30.94 -12.21 0.47
C SER A 144 -29.48 -11.87 0.19
N LYS A 145 -28.68 -12.85 -0.20
CA LYS A 145 -27.27 -12.61 -0.46
C LYS A 145 -27.01 -11.79 -1.72
N ARG A 146 -26.02 -10.90 -1.63
CA ARG A 146 -25.63 -10.08 -2.78
C ARG A 146 -24.13 -9.83 -2.68
N THR A 147 -23.51 -9.44 -3.79
CA THR A 147 -22.08 -9.21 -3.82
C THR A 147 -21.72 -7.86 -4.44
N GLY A 148 -22.46 -6.83 -4.08
CA GLY A 148 -22.20 -5.51 -4.61
C GLY A 148 -23.33 -4.56 -4.33
N GLY A 149 -23.00 -3.28 -4.14
CA GLY A 149 -24.02 -2.29 -3.87
C GLY A 149 -23.56 -1.21 -2.90
N THR A 150 -24.52 -0.55 -2.29
CA THR A 150 -24.25 0.52 -1.33
C THR A 150 -24.68 0.10 0.07
N VAL A 151 -23.86 0.46 1.06
CA VAL A 151 -24.16 0.16 2.45
C VAL A 151 -24.12 1.46 3.24
N THR A 152 -25.28 1.87 3.75
CA THR A 152 -25.39 3.09 4.53
C THR A 152 -25.21 2.69 5.99
N MET A 153 -23.98 2.83 6.48
CA MET A 153 -23.66 2.42 7.85
C MET A 153 -24.48 3.08 8.95
N ALA A 154 -24.93 4.30 8.72
CA ALA A 154 -25.72 5.00 9.74
C ALA A 154 -26.99 4.22 10.08
N ASN A 155 -27.60 3.61 9.06
CA ASN A 155 -28.83 2.86 9.30
C ASN A 155 -28.62 1.61 10.14
N HIS A 156 -27.47 0.97 9.95
CA HIS A 156 -27.16 -0.22 10.72
C HIS A 156 -26.77 0.14 12.16
N PHE A 157 -25.87 1.11 12.30
CA PHE A 157 -25.44 1.54 13.63
C PHE A 157 -26.61 2.02 14.48
N ASN A 158 -27.48 2.82 13.88
CA ASN A 158 -28.63 3.34 14.62
C ASN A 158 -29.59 2.21 15.00
N ALA A 159 -29.75 1.23 14.13
CA ALA A 159 -30.63 0.11 14.42
C ALA A 159 -30.06 -0.67 15.62
N TRP A 160 -28.75 -0.84 15.63
CA TRP A 160 -28.10 -1.56 16.72
C TRP A 160 -28.20 -0.78 18.03
N ARG A 161 -27.85 0.51 17.98
CA ARG A 161 -27.90 1.35 19.16
C ARG A 161 -29.28 1.37 19.78
N GLN A 162 -30.31 1.51 18.95
CA GLN A 162 -31.68 1.56 19.46
C GLN A 162 -32.12 0.24 20.07
N ALA A 163 -31.53 -0.85 19.58
CA ALA A 163 -31.86 -2.18 20.09
C ALA A 163 -31.10 -2.47 21.38
N GLY A 164 -30.37 -1.46 21.85
CA GLY A 164 -29.61 -1.61 23.08
C GLY A 164 -28.19 -2.12 22.91
N LEU A 165 -27.70 -2.13 21.68
CA LEU A 165 -26.34 -2.59 21.40
C LEU A 165 -25.42 -1.37 21.27
N GLN A 166 -24.81 -0.98 22.38
CA GLN A 166 -23.93 0.19 22.39
C GLN A 166 -22.68 0.02 21.55
N LEU A 167 -22.27 1.10 20.88
CA LEU A 167 -21.07 1.12 20.06
C LEU A 167 -20.07 2.05 20.73
N GLY A 168 -18.80 1.69 20.67
CA GLY A 168 -17.76 2.52 21.27
C GLY A 168 -17.15 3.44 20.24
N SER A 169 -15.91 3.86 20.47
CA SER A 169 -15.21 4.73 19.55
C SER A 169 -14.69 3.88 18.41
N HIS A 170 -14.89 4.35 17.18
CA HIS A 170 -14.48 3.60 15.99
C HIS A 170 -13.00 3.30 15.79
N ASP A 171 -12.71 2.04 15.46
CA ASP A 171 -11.35 1.65 15.13
C ASP A 171 -11.53 1.46 13.62
N TYR A 172 -10.90 0.45 13.01
CA TYR A 172 -11.06 0.32 11.57
C TYR A 172 -12.44 -0.13 11.08
N GLN A 173 -12.68 0.12 9.79
CA GLN A 173 -13.96 -0.18 9.13
C GLN A 173 -13.63 -0.53 7.69
N ILE A 174 -13.77 -1.80 7.34
CA ILE A 174 -13.43 -2.26 5.99
C ILE A 174 -14.48 -3.16 5.33
N VAL A 175 -14.35 -3.33 4.02
CA VAL A 175 -15.25 -4.24 3.31
C VAL A 175 -14.36 -5.48 3.28
N ALA A 176 -14.71 -6.45 4.12
CA ALA A 176 -13.90 -7.64 4.26
C ALA A 176 -14.44 -8.94 3.76
N THR A 177 -13.51 -9.87 3.58
CA THR A 177 -13.82 -11.23 3.18
C THR A 177 -13.25 -12.02 4.36
N GLU A 178 -13.98 -13.04 4.81
CA GLU A 178 -13.52 -13.86 5.93
C GLU A 178 -13.72 -15.32 5.62
N GLY A 179 -12.87 -16.17 6.19
CA GLY A 179 -13.00 -17.59 5.95
C GLY A 179 -12.54 -18.41 7.14
N TYR A 180 -13.18 -19.56 7.34
CA TYR A 180 -12.81 -20.46 8.42
C TYR A 180 -12.91 -21.89 7.88
N TYR A 181 -11.76 -22.54 7.76
CA TYR A 181 -11.68 -23.90 7.22
C TYR A 181 -12.43 -23.97 5.90
N SER A 182 -12.27 -22.92 5.10
CA SER A 182 -12.92 -22.86 3.80
C SER A 182 -11.92 -22.64 2.68
N SER A 183 -12.43 -22.50 1.47
CA SER A 183 -11.59 -22.27 0.31
C SER A 183 -12.35 -21.34 -0.61
N GLY A 184 -11.66 -20.75 -1.57
CA GLY A 184 -12.33 -19.86 -2.49
C GLY A 184 -11.43 -18.79 -3.06
N SER A 185 -12.05 -17.81 -3.72
CA SER A 185 -11.34 -16.69 -4.30
C SER A 185 -12.27 -15.51 -4.21
N ALA A 186 -11.71 -14.31 -4.20
CA ALA A 186 -12.52 -13.12 -4.12
C ALA A 186 -11.75 -11.89 -4.54
N THR A 187 -12.40 -11.05 -5.32
CA THR A 187 -11.81 -9.78 -5.74
C THR A 187 -12.86 -8.77 -5.30
N VAL A 188 -12.45 -7.86 -4.43
CA VAL A 188 -13.34 -6.85 -3.90
C VAL A 188 -12.81 -5.47 -4.21
N ASN A 189 -13.68 -4.60 -4.70
CA ASN A 189 -13.29 -3.24 -5.02
C ASN A 189 -14.16 -2.28 -4.21
N VAL A 190 -13.51 -1.54 -3.32
CA VAL A 190 -14.20 -0.58 -2.46
C VAL A 190 -14.09 0.81 -3.08
N GLY A 191 -15.22 1.49 -3.22
CA GLY A 191 -15.21 2.83 -3.80
C GLY A 191 -15.08 2.84 -5.31
N THR B 2 4.94 -7.77 -0.25
CA THR B 2 6.11 -8.01 -1.08
C THR B 2 5.66 -7.94 -2.53
N LEU B 3 6.38 -7.17 -3.34
CA LEU B 3 6.04 -7.02 -4.76
C LEU B 3 6.43 -8.27 -5.53
N THR B 4 5.65 -8.60 -6.56
CA THR B 4 5.93 -9.78 -7.36
C THR B 4 6.21 -9.45 -8.82
N SER B 5 6.24 -8.15 -9.13
CA SER B 5 6.50 -7.66 -10.49
C SER B 5 6.71 -6.16 -10.39
N SER B 6 7.01 -5.51 -11.52
CA SER B 6 7.16 -4.05 -11.49
C SER B 6 5.81 -3.54 -11.01
N ALA B 7 5.80 -2.48 -10.22
CA ALA B 7 4.54 -1.99 -9.71
C ALA B 7 4.62 -0.56 -9.20
N THR B 8 3.45 0.06 -9.06
CA THR B 8 3.36 1.42 -8.56
C THR B 8 2.08 1.56 -7.74
N GLY B 9 2.00 2.64 -6.97
CA GLY B 9 0.83 2.90 -6.15
C GLY B 9 1.30 3.72 -4.96
N THR B 10 0.47 3.76 -3.93
N THR B 10 0.46 3.78 -3.92
CA THR B 10 0.82 4.50 -2.72
CA THR B 10 0.82 4.52 -2.71
C THR B 10 0.71 3.53 -1.55
C THR B 10 0.68 3.56 -1.53
N HIS B 11 1.61 3.67 -0.58
CA HIS B 11 1.61 2.80 0.58
C HIS B 11 1.91 3.66 1.79
N ASN B 12 1.01 3.59 2.77
CA ASN B 12 1.14 4.37 4.00
C ASN B 12 1.38 5.85 3.71
N GLY B 13 0.71 6.33 2.67
CA GLY B 13 0.80 7.74 2.30
C GLY B 13 1.94 8.11 1.37
N TYR B 14 2.81 7.16 1.07
CA TYR B 14 3.93 7.44 0.18
C TYR B 14 3.81 6.70 -1.14
N TYR B 15 4.03 7.43 -2.23
CA TYR B 15 3.98 6.81 -3.54
C TYR B 15 5.16 5.85 -3.64
N TYR B 16 4.97 4.76 -4.37
CA TYR B 16 6.05 3.81 -4.58
C TYR B 16 6.11 3.41 -6.03
N SER B 17 7.33 3.21 -6.50
CA SER B 17 7.54 2.77 -7.87
C SER B 17 8.66 1.74 -7.81
N PHE B 18 8.42 0.60 -8.45
CA PHE B 18 9.41 -0.46 -8.52
C PHE B 18 9.46 -0.92 -9.96
N TRP B 19 10.64 -0.83 -10.56
CA TRP B 19 10.82 -1.27 -11.94
C TRP B 19 11.91 -2.33 -11.94
N THR B 20 11.64 -3.44 -12.59
CA THR B 20 12.61 -4.52 -12.70
C THR B 20 12.52 -5.14 -14.08
N ASP B 21 13.65 -5.61 -14.61
CA ASP B 21 13.64 -6.24 -15.93
C ASP B 21 13.27 -7.71 -15.78
N GLY B 22 12.85 -8.07 -14.56
CA GLY B 22 12.43 -9.43 -14.27
C GLY B 22 13.54 -10.45 -14.07
N GLN B 23 14.79 -10.02 -14.24
CA GLN B 23 15.91 -10.95 -14.10
C GLN B 23 16.57 -10.95 -12.72
N GLY B 24 17.41 -11.94 -12.49
CA GLY B 24 18.09 -12.04 -11.21
C GLY B 24 17.15 -12.40 -10.08
N ASN B 25 17.60 -12.17 -8.85
CA ASN B 25 16.80 -12.48 -7.67
C ASN B 25 16.48 -11.18 -6.94
N ILE B 26 15.23 -10.98 -6.61
CA ILE B 26 14.87 -9.77 -5.89
C ILE B 26 13.56 -9.85 -5.15
N ARG B 27 13.56 -9.24 -3.97
CA ARG B 27 12.40 -9.17 -3.11
C ARG B 27 12.33 -7.72 -2.65
N PHE B 28 11.36 -7.00 -3.17
CA PHE B 28 11.16 -5.59 -2.81
C PHE B 28 9.96 -5.58 -1.86
N ASN B 29 10.17 -5.11 -0.63
CA ASN B 29 9.12 -5.09 0.38
C ASN B 29 8.68 -3.72 0.87
N LEU B 30 7.37 -3.49 0.88
CA LEU B 30 6.80 -2.24 1.35
C LEU B 30 6.60 -2.39 2.85
N GLU B 31 7.15 -1.46 3.62
CA GLU B 31 7.06 -1.53 5.06
C GLU B 31 6.40 -0.29 5.68
N SER B 32 6.45 -0.20 7.00
CA SER B 32 5.81 0.90 7.72
C SER B 32 6.15 2.31 7.23
N GLY B 33 5.14 3.17 7.20
CA GLY B 33 5.34 4.56 6.77
C GLY B 33 6.03 4.71 5.44
N GLY B 34 7.08 5.52 5.41
CA GLY B 34 7.79 5.74 4.15
C GLY B 34 8.99 4.81 3.99
N GLN B 35 8.91 3.64 4.59
CA GLN B 35 10.01 2.69 4.52
C GLN B 35 9.79 1.51 3.58
N TYR B 36 10.90 1.02 3.03
CA TYR B 36 10.86 -0.13 2.15
C TYR B 36 12.19 -0.84 2.32
N SER B 37 12.23 -2.13 2.00
CA SER B 37 13.48 -2.87 2.11
C SER B 37 13.58 -3.75 0.88
N VAL B 38 14.80 -4.04 0.47
CA VAL B 38 15.01 -4.87 -0.71
C VAL B 38 16.29 -5.68 -0.57
N THR B 39 16.22 -6.92 -1.05
CA THR B 39 17.35 -7.83 -1.02
C THR B 39 17.46 -8.35 -2.44
N TRP B 40 18.64 -8.27 -3.04
CA TRP B 40 18.79 -8.72 -4.41
C TRP B 40 20.12 -9.40 -4.69
N SER B 41 20.19 -10.07 -5.84
CA SER B 41 21.40 -10.76 -6.27
C SER B 41 21.16 -11.25 -7.69
N GLY B 42 22.18 -11.87 -8.29
CA GLY B 42 22.01 -12.37 -9.63
C GLY B 42 22.22 -11.31 -10.71
N ASN B 43 21.73 -11.61 -11.90
CA ASN B 43 21.90 -10.72 -13.04
C ASN B 43 20.68 -9.89 -13.38
N GLY B 44 20.24 -9.06 -12.44
CA GLY B 44 19.08 -8.24 -12.69
C GLY B 44 19.37 -6.76 -12.82
N ASN B 45 18.38 -6.04 -13.33
CA ASN B 45 18.46 -4.59 -13.50
C ASN B 45 17.15 -4.08 -12.91
N TRP B 46 17.23 -3.26 -11.86
CA TRP B 46 16.02 -2.76 -11.23
C TRP B 46 16.24 -1.45 -10.49
N VAL B 47 15.15 -0.75 -10.19
CA VAL B 47 15.20 0.50 -9.44
C VAL B 47 13.83 0.74 -8.81
N GLY B 48 13.82 1.09 -7.53
CA GLY B 48 12.55 1.33 -6.85
C GLY B 48 12.70 2.05 -5.54
N GLY B 49 11.60 2.59 -5.05
CA GLY B 49 11.64 3.30 -3.79
C GLY B 49 10.32 3.97 -3.47
N LYS B 50 10.32 4.76 -2.40
CA LYS B 50 9.13 5.47 -1.95
C LYS B 50 9.34 6.97 -2.04
N GLY B 51 8.24 7.69 -2.16
CA GLY B 51 8.32 9.13 -2.24
C GLY B 51 6.99 9.78 -2.51
N TRP B 52 6.94 10.55 -3.59
CA TRP B 52 5.74 11.28 -3.95
C TRP B 52 5.44 11.24 -5.44
N ASN B 53 4.17 11.51 -5.76
CA ASN B 53 3.72 11.60 -7.13
C ASN B 53 2.45 12.44 -7.11
N PRO B 54 2.53 13.66 -7.66
CA PRO B 54 3.71 14.26 -8.29
C PRO B 54 4.78 14.78 -7.33
N GLY B 55 5.99 14.96 -7.87
CA GLY B 55 7.06 15.51 -7.08
C GLY B 55 6.90 17.02 -7.18
N THR B 56 7.73 17.77 -6.48
CA THR B 56 7.68 19.24 -6.55
C THR B 56 9.10 19.74 -6.69
N ASP B 57 9.28 20.89 -7.29
CA ASP B 57 10.63 21.42 -7.48
C ASP B 57 11.16 22.14 -6.25
N ASN B 58 10.40 22.08 -5.14
CA ASN B 58 10.82 22.74 -3.92
C ASN B 58 10.65 21.85 -2.69
N ARG B 59 10.48 20.55 -2.90
CA ARG B 59 10.33 19.64 -1.77
C ARG B 59 11.66 19.47 -1.04
N VAL B 60 11.57 19.33 0.28
CA VAL B 60 12.75 19.12 1.12
C VAL B 60 12.63 17.69 1.63
N ILE B 61 13.40 16.81 1.01
CA ILE B 61 13.39 15.40 1.36
C ILE B 61 14.35 15.00 2.47
N ASN B 62 13.86 14.26 3.45
CA ASN B 62 14.71 13.78 4.53
C ASN B 62 14.60 12.27 4.50
N TYR B 63 15.73 11.59 4.58
CA TYR B 63 15.71 10.13 4.53
C TYR B 63 16.86 9.54 5.32
N THR B 64 16.75 8.24 5.60
CA THR B 64 17.78 7.50 6.29
C THR B 64 17.84 6.16 5.58
N ALA B 65 19.00 5.54 5.57
CA ALA B 65 19.12 4.26 4.89
C ALA B 65 20.23 3.39 5.42
N ASP B 66 19.97 2.09 5.43
CA ASP B 66 20.94 1.08 5.84
C ASP B 66 21.21 0.49 4.46
N TYR B 67 22.17 1.09 3.76
CA TYR B 67 22.50 0.70 2.39
C TYR B 67 23.74 -0.20 2.32
N ARG B 68 23.53 -1.44 1.89
CA ARG B 68 24.63 -2.41 1.79
C ARG B 68 24.75 -3.02 0.39
N PRO B 69 25.24 -2.23 -0.57
CA PRO B 69 25.40 -2.69 -1.96
C PRO B 69 26.70 -3.46 -2.21
N ASN B 70 26.65 -4.31 -3.23
CA ASN B 70 27.82 -5.09 -3.63
C ASN B 70 27.87 -5.03 -5.15
N GLY B 71 28.63 -4.06 -5.67
CA GLY B 71 28.74 -3.92 -7.11
C GLY B 71 28.11 -2.64 -7.64
N ASN B 72 27.58 -2.71 -8.85
CA ASN B 72 26.95 -1.56 -9.48
C ASN B 72 25.57 -1.32 -8.88
N SER B 73 25.48 -0.30 -8.02
CA SER B 73 24.23 0.05 -7.35
C SER B 73 24.33 1.49 -6.88
N TYR B 74 23.19 2.14 -6.74
CA TYR B 74 23.20 3.50 -6.24
C TYR B 74 21.97 3.80 -5.39
N LEU B 75 22.10 4.83 -4.57
CA LEU B 75 21.03 5.31 -3.70
C LEU B 75 20.84 6.75 -4.15
N ALA B 76 19.64 7.10 -4.59
CA ALA B 76 19.42 8.46 -5.07
C ALA B 76 17.97 8.90 -5.16
N VAL B 77 17.77 10.21 -5.12
CA VAL B 77 16.43 10.76 -5.31
C VAL B 77 16.31 10.54 -6.80
N TYR B 78 15.18 10.02 -7.23
CA TYR B 78 14.98 9.70 -8.64
C TYR B 78 13.57 10.10 -9.05
N GLY B 79 13.44 10.73 -10.21
CA GLY B 79 12.13 11.15 -10.66
C GLY B 79 12.05 11.53 -12.12
N TRP B 80 10.87 11.97 -12.53
CA TRP B 80 10.62 12.38 -13.90
C TRP B 80 9.73 13.62 -13.94
N THR B 81 9.81 14.32 -15.06
CA THR B 81 8.96 15.49 -15.30
C THR B 81 8.46 15.29 -16.73
N ARG B 82 7.39 16.00 -17.08
CA ARG B 82 6.80 15.84 -18.41
C ARG B 82 6.67 17.19 -19.12
N ASN B 83 6.60 17.15 -20.45
CA ASN B 83 6.44 18.36 -21.25
C ASN B 83 7.47 19.42 -20.94
N PRO B 84 8.75 19.16 -21.27
CA PRO B 84 9.24 17.94 -21.91
C PRO B 84 9.57 16.78 -20.96
N LEU B 85 9.71 15.59 -21.53
CA LEU B 85 10.03 14.40 -20.76
C LEU B 85 11.47 14.51 -20.25
N ILE B 86 11.63 14.38 -18.93
CA ILE B 86 12.96 14.46 -18.32
C ILE B 86 13.12 13.43 -17.21
N GLU B 87 14.30 12.83 -17.14
CA GLU B 87 14.59 11.85 -16.09
C GLU B 87 15.70 12.50 -15.28
N TYR B 88 15.59 12.48 -13.95
CA TYR B 88 16.61 13.10 -13.12
C TYR B 88 17.00 12.28 -11.89
N TYR B 89 18.22 12.54 -11.40
CA TYR B 89 18.77 11.84 -10.23
C TYR B 89 19.61 12.74 -9.35
N VAL B 90 19.51 12.51 -8.03
CA VAL B 90 20.34 13.21 -7.07
C VAL B 90 21.00 12.02 -6.38
N VAL B 91 22.19 11.67 -6.87
CA VAL B 91 22.93 10.52 -6.37
C VAL B 91 23.64 10.83 -5.04
N GLU B 92 23.20 10.12 -4.01
CA GLU B 92 23.74 10.28 -2.66
C GLU B 92 24.88 9.31 -2.41
N SER B 93 24.75 8.11 -2.94
CA SER B 93 25.78 7.09 -2.80
C SER B 93 25.67 6.08 -3.93
N PHE B 94 26.80 5.44 -4.25
CA PHE B 94 26.81 4.44 -5.31
C PHE B 94 27.90 3.41 -5.06
N GLY B 95 27.90 2.36 -5.87
CA GLY B 95 28.88 1.29 -5.70
C GLY B 95 30.12 1.38 -6.56
N THR B 96 30.34 0.36 -7.37
CA THR B 96 31.51 0.28 -8.23
C THR B 96 31.34 0.99 -9.57
N TYR B 97 30.32 1.83 -9.69
CA TYR B 97 30.07 2.53 -10.94
C TYR B 97 29.38 3.88 -10.77
N ASP B 98 30.08 4.96 -11.09
CA ASP B 98 29.48 6.28 -10.98
C ASP B 98 28.41 6.31 -12.07
N PRO B 99 27.13 6.37 -11.68
CA PRO B 99 26.03 6.39 -12.65
C PRO B 99 26.05 7.53 -13.66
N SER B 100 26.82 8.57 -13.38
CA SER B 100 26.91 9.71 -14.28
C SER B 100 27.95 9.51 -15.38
N THR B 101 28.61 8.36 -15.36
CA THR B 101 29.65 8.06 -16.36
C THR B 101 29.10 8.19 -17.77
N GLY B 102 29.85 8.89 -18.62
CA GLY B 102 29.42 9.07 -19.99
C GLY B 102 28.59 10.32 -20.20
N ALA B 103 28.08 10.89 -19.10
CA ALA B 103 27.25 12.09 -19.18
C ALA B 103 28.15 13.33 -19.26
N THR B 104 27.63 14.40 -19.84
CA THR B 104 28.39 15.64 -19.97
C THR B 104 28.30 16.47 -18.69
N ARG B 105 29.45 16.79 -18.11
CA ARG B 105 29.51 17.58 -16.88
C ARG B 105 29.07 19.03 -17.17
N MET B 106 28.06 19.49 -16.44
CA MET B 106 27.48 20.83 -16.62
C MET B 106 27.63 21.80 -15.44
N GLY B 107 28.65 21.62 -14.62
CA GLY B 107 28.84 22.51 -13.48
C GLY B 107 28.64 21.78 -12.16
N SER B 108 28.32 22.52 -11.09
CA SER B 108 28.12 21.90 -9.79
C SER B 108 27.21 22.75 -8.89
N VAL B 109 26.76 22.15 -7.80
CA VAL B 109 25.89 22.84 -6.85
C VAL B 109 26.25 22.41 -5.44
N THR B 110 26.24 23.36 -4.51
CA THR B 110 26.54 23.08 -3.12
C THR B 110 25.25 23.20 -2.34
N THR B 111 24.89 22.12 -1.64
CA THR B 111 23.64 22.11 -0.89
C THR B 111 23.61 20.95 0.09
N ASP B 112 22.92 21.17 1.22
CA ASP B 112 22.78 20.15 2.24
C ASP B 112 24.10 19.59 2.76
N GLY B 113 25.05 20.50 3.03
CA GLY B 113 26.34 20.11 3.57
C GLY B 113 27.25 19.37 2.61
N GLY B 114 26.85 19.25 1.35
CA GLY B 114 27.68 18.56 0.38
C GLY B 114 27.78 19.29 -0.93
N THR B 115 28.60 18.76 -1.84
CA THR B 115 28.77 19.36 -3.16
C THR B 115 28.45 18.30 -4.20
N TYR B 116 27.72 18.69 -5.25
CA TYR B 116 27.35 17.76 -6.31
C TYR B 116 27.76 18.29 -7.67
N ASN B 117 28.29 17.39 -8.50
CA ASN B 117 28.65 17.77 -9.85
C ASN B 117 27.41 17.50 -10.68
N ILE B 118 27.10 18.42 -11.58
CA ILE B 118 25.93 18.30 -12.44
C ILE B 118 26.30 17.72 -13.79
N TYR B 119 25.46 16.82 -14.31
CA TYR B 119 25.70 16.22 -15.62
C TYR B 119 24.40 16.14 -16.39
N ARG B 120 24.52 16.08 -17.72
CA ARG B 120 23.35 15.97 -18.57
C ARG B 120 23.70 15.08 -19.75
N THR B 121 22.71 14.33 -20.24
CA THR B 121 22.94 13.45 -21.37
C THR B 121 21.61 13.10 -22.02
N GLN B 122 21.62 13.00 -23.35
CA GLN B 122 20.39 12.67 -24.07
C GLN B 122 20.27 11.17 -24.26
N ARG B 123 19.13 10.63 -23.83
CA ARG B 123 18.85 9.21 -23.96
C ARG B 123 18.03 9.08 -25.24
N VAL B 124 18.53 8.31 -26.21
CA VAL B 124 17.86 8.15 -27.49
C VAL B 124 17.08 6.84 -27.63
N ASN B 125 15.77 6.95 -27.84
CA ASN B 125 14.92 5.77 -27.99
C ASN B 125 15.12 4.81 -26.84
N ALA B 126 14.91 5.31 -25.62
CA ALA B 126 15.09 4.50 -24.42
C ALA B 126 13.79 4.36 -23.65
N PRO B 127 13.69 3.32 -22.80
CA PRO B 127 12.48 3.09 -22.01
C PRO B 127 12.21 4.28 -21.09
N SER B 128 10.94 4.63 -20.92
CA SER B 128 10.58 5.75 -20.08
C SER B 128 9.15 5.59 -19.60
N ILE B 129 8.69 6.54 -18.78
CA ILE B 129 7.32 6.50 -18.28
C ILE B 129 6.33 6.77 -19.41
N GLU B 130 6.84 7.20 -20.57
CA GLU B 130 5.99 7.49 -21.72
C GLU B 130 6.28 6.53 -22.87
N GLY B 131 6.93 5.41 -22.55
CA GLY B 131 7.26 4.43 -23.58
C GLY B 131 8.68 4.63 -24.08
N THR B 132 8.96 4.13 -25.29
CA THR B 132 10.29 4.27 -25.87
C THR B 132 10.41 5.67 -26.45
N LYS B 133 11.22 6.51 -25.79
CA LYS B 133 11.39 7.88 -26.22
C LYS B 133 12.82 8.39 -26.18
N THR B 134 12.99 9.62 -26.65
CA THR B 134 14.28 10.30 -26.64
C THR B 134 14.09 11.47 -25.69
N PHE B 135 14.91 11.52 -24.65
CA PHE B 135 14.78 12.57 -23.66
C PHE B 135 16.10 12.85 -22.96
N TYR B 136 16.17 13.96 -22.25
CA TYR B 136 17.37 14.30 -21.52
C TYR B 136 17.31 13.79 -20.10
N GLN B 137 18.49 13.44 -19.60
CA GLN B 137 18.66 12.88 -18.26
C GLN B 137 19.60 13.81 -17.51
N TYR B 138 19.17 14.25 -16.33
CA TYR B 138 20.00 15.15 -15.52
C TYR B 138 20.49 14.47 -14.25
N TRP B 139 21.75 14.73 -13.89
CA TRP B 139 22.35 14.14 -12.72
C TRP B 139 23.01 15.15 -11.79
N SER B 140 22.94 14.85 -10.49
CA SER B 140 23.59 15.63 -9.45
C SER B 140 24.25 14.52 -8.65
N VAL B 141 25.58 14.47 -8.65
CA VAL B 141 26.28 13.42 -7.94
C VAL B 141 27.14 13.99 -6.81
N ARG B 142 26.84 13.58 -5.58
CA ARG B 142 27.57 14.05 -4.40
C ARG B 142 29.02 13.60 -4.46
N THR B 143 29.93 14.52 -4.16
CA THR B 143 31.36 14.23 -4.20
C THR B 143 31.77 13.33 -3.03
N SER B 144 30.94 13.31 -2.00
CA SER B 144 31.19 12.49 -0.82
C SER B 144 29.94 11.67 -0.53
N LYS B 145 30.05 10.36 -0.67
CA LYS B 145 28.92 9.45 -0.46
C LYS B 145 28.33 9.50 0.95
N ARG B 146 27.01 9.42 1.03
CA ARG B 146 26.31 9.39 2.31
C ARG B 146 25.04 8.57 2.15
N THR B 147 24.52 8.07 3.26
CA THR B 147 23.31 7.26 3.21
C THR B 147 22.24 7.77 4.16
N GLY B 148 22.07 9.09 4.20
CA GLY B 148 21.07 9.67 5.07
C GLY B 148 21.23 11.16 5.19
N GLY B 149 20.12 11.87 5.32
CA GLY B 149 20.19 13.32 5.43
C GLY B 149 19.04 14.03 4.75
N THR B 150 19.26 15.29 4.40
CA THR B 150 18.22 16.08 3.74
C THR B 150 18.64 16.48 2.33
N VAL B 151 17.68 16.42 1.41
CA VAL B 151 17.92 16.82 0.03
C VAL B 151 16.96 17.95 -0.30
N THR B 152 17.50 19.14 -0.54
CA THR B 152 16.69 20.31 -0.86
C THR B 152 16.59 20.38 -2.37
N MET B 153 15.54 19.77 -2.92
CA MET B 153 15.35 19.73 -4.37
C MET B 153 15.40 21.08 -5.08
N ALA B 154 14.93 22.14 -4.42
CA ALA B 154 14.94 23.46 -5.03
C ALA B 154 16.34 23.83 -5.56
N ASN B 155 17.37 23.51 -4.80
CA ASN B 155 18.73 23.82 -5.21
C ASN B 155 19.19 23.02 -6.41
N HIS B 156 18.70 21.79 -6.52
CA HIS B 156 19.07 20.95 -7.65
C HIS B 156 18.35 21.37 -8.92
N PHE B 157 17.04 21.60 -8.82
CA PHE B 157 16.29 22.03 -9.99
C PHE B 157 16.80 23.37 -10.51
N ASN B 158 17.14 24.28 -9.60
CA ASN B 158 17.67 25.59 -9.99
C ASN B 158 18.89 25.36 -10.87
N ALA B 159 19.80 24.53 -10.38
CA ALA B 159 21.02 24.23 -11.12
C ALA B 159 20.71 23.56 -12.46
N TRP B 160 19.81 22.59 -12.45
CA TRP B 160 19.46 21.90 -13.68
C TRP B 160 18.76 22.81 -14.69
N ARG B 161 17.89 23.69 -14.21
CA ARG B 161 17.19 24.59 -15.12
C ARG B 161 18.20 25.40 -15.93
N GLN B 162 19.23 25.90 -15.26
CA GLN B 162 20.26 26.69 -15.94
C GLN B 162 21.02 25.80 -16.92
N ALA B 163 21.06 24.51 -16.63
CA ALA B 163 21.76 23.56 -17.49
C ALA B 163 20.87 23.08 -18.65
N GLY B 164 19.67 23.62 -18.75
CA GLY B 164 18.79 23.24 -19.85
C GLY B 164 17.48 22.56 -19.50
N LEU B 165 17.29 22.21 -18.23
CA LEU B 165 16.05 21.54 -17.83
C LEU B 165 14.85 22.47 -17.88
N GLN B 166 13.85 22.09 -18.68
CA GLN B 166 12.62 22.87 -18.80
C GLN B 166 11.57 22.03 -18.07
N LEU B 167 10.89 22.64 -17.11
CA LEU B 167 9.91 21.92 -16.32
C LEU B 167 8.45 22.16 -16.67
N GLY B 168 7.81 21.13 -17.23
CA GLY B 168 6.41 21.23 -17.60
C GLY B 168 5.58 20.83 -16.39
N SER B 169 5.58 19.54 -16.09
CA SER B 169 4.84 19.03 -14.94
C SER B 169 5.64 17.90 -14.32
N HIS B 170 5.47 17.70 -13.03
CA HIS B 170 6.19 16.65 -12.31
C HIS B 170 5.48 15.31 -12.34
N ASP B 171 6.24 14.23 -12.53
CA ASP B 171 5.67 12.90 -12.45
C ASP B 171 6.20 12.43 -11.10
N TYR B 172 6.53 11.16 -10.92
CA TYR B 172 6.99 10.74 -9.61
C TYR B 172 8.36 11.26 -9.17
N GLN B 173 8.58 11.22 -7.86
CA GLN B 173 9.80 11.72 -7.24
C GLN B 173 10.01 10.84 -6.01
N ILE B 174 10.99 9.94 -6.08
CA ILE B 174 11.22 9.01 -4.98
C ILE B 174 12.68 8.90 -4.56
N VAL B 175 12.89 8.34 -3.37
CA VAL B 175 14.24 8.09 -2.87
C VAL B 175 14.41 6.62 -3.22
N ALA B 176 15.13 6.36 -4.30
CA ALA B 176 15.29 5.01 -4.79
C ALA B 176 16.63 4.34 -4.61
N THR B 177 16.58 3.02 -4.68
CA THR B 177 17.77 2.17 -4.60
C THR B 177 17.78 1.52 -5.97
N GLU B 178 18.96 1.29 -6.53
CA GLU B 178 19.05 0.67 -7.85
C GLU B 178 20.17 -0.37 -7.88
N GLY B 179 20.04 -1.34 -8.78
CA GLY B 179 21.05 -2.37 -8.90
C GLY B 179 21.17 -2.85 -10.34
N TYR B 180 22.39 -3.14 -10.76
CA TYR B 180 22.63 -3.62 -12.13
C TYR B 180 23.63 -4.76 -12.05
N TYR B 181 23.16 -5.98 -12.29
CA TYR B 181 24.00 -7.17 -12.21
C TYR B 181 24.84 -7.11 -10.93
N SER B 182 24.17 -6.86 -9.81
CA SER B 182 24.85 -6.76 -8.53
C SER B 182 24.03 -7.50 -7.47
N SER B 183 24.40 -7.31 -6.21
CA SER B 183 23.67 -7.94 -5.10
C SER B 183 23.74 -7.02 -3.90
N GLY B 184 22.96 -7.34 -2.87
CA GLY B 184 22.99 -6.51 -1.67
C GLY B 184 21.64 -6.41 -1.00
N SER B 185 21.55 -5.48 -0.05
CA SER B 185 20.32 -5.26 0.68
C SER B 185 20.28 -3.79 1.07
N ALA B 186 19.08 -3.32 1.39
CA ALA B 186 18.92 -1.95 1.78
C ALA B 186 17.56 -1.73 2.40
N THR B 187 17.53 -0.92 3.44
CA THR B 187 16.29 -0.54 4.10
C THR B 187 16.35 0.97 4.05
N VAL B 188 15.33 1.59 3.46
CA VAL B 188 15.29 3.03 3.32
C VAL B 188 14.00 3.59 3.90
N ASN B 189 14.13 4.63 4.72
CA ASN B 189 12.95 5.24 5.32
C ASN B 189 12.87 6.69 4.89
N VAL B 190 11.83 7.00 4.10
CA VAL B 190 11.63 8.34 3.60
C VAL B 190 10.73 9.13 4.54
N GLY B 191 11.21 10.30 4.95
CA GLY B 191 10.46 11.15 5.86
C GLY B 191 10.28 10.53 7.24
#